data_4IK6
#
_entry.id   4IK6
#
_cell.length_a   41.860
_cell.length_b   83.220
_cell.length_c   62.850
_cell.angle_alpha   90.000
_cell.angle_beta   90.000
_cell.angle_gamma   90.000
#
_symmetry.space_group_name_H-M   'P 21 21 2'
#
loop_
_entity.id
_entity.type
_entity.pdbx_description
1 polymer Transthyretin
2 non-polymer '{2-[(2-chloro-6-fluorophenyl)amino]-5-methylphenyl}acetic acid'
3 water water
#
_entity_poly.entity_id   1
_entity_poly.type   'polypeptide(L)'
_entity_poly.pdbx_seq_one_letter_code
;GPTGTGESKCPLMVKVLDAVRGSPAINVAVHVFRKAADDTWEPFASGKTSESGELHGLTTEEEFVEGIYKVEIDTKSYWK
ALGISPFHEHAEVVFTANDSGPRRYTIAALLSPYSYSTTAVVTNPKE
;
_entity_poly.pdbx_strand_id   A,B
#
loop_
_chem_comp.id
_chem_comp.type
_chem_comp.name
_chem_comp.formula
LUR non-polymer '{2-[(2-chloro-6-fluorophenyl)amino]-5-methylphenyl}acetic acid' 'C15 H13 Cl F N O2'
#
# COMPACT_ATOMS: atom_id res chain seq x y z
N CYS A 10 -20.62 -10.51 4.36
N CYS A 10 -20.38 -11.89 3.20
CA CYS A 10 -19.51 -10.72 3.37
CA CYS A 10 -19.44 -10.77 2.89
C CYS A 10 -18.18 -10.78 4.09
C CYS A 10 -18.24 -10.75 3.84
N PRO A 11 -17.30 -11.71 3.67
CA PRO A 11 -16.03 -11.84 4.41
C PRO A 11 -14.98 -10.77 4.08
N LEU A 12 -15.16 -10.06 2.99
CA LEU A 12 -14.20 -9.06 2.54
C LEU A 12 -14.97 -7.85 2.11
N MET A 13 -14.71 -6.73 2.77
CA MET A 13 -15.35 -5.47 2.40
C MET A 13 -14.26 -4.42 2.29
N VAL A 14 -14.34 -3.60 1.25
CA VAL A 14 -13.36 -2.54 1.08
C VAL A 14 -14.07 -1.18 1.19
N LYS A 15 -13.58 -0.35 2.09
N LYS A 15 -13.53 -0.33 2.06
CA LYS A 15 -14.12 0.98 2.26
CA LYS A 15 -14.10 0.97 2.32
C LYS A 15 -13.07 1.99 1.91
C LYS A 15 -13.06 2.04 1.97
N VAL A 16 -13.45 3.02 1.16
CA VAL A 16 -12.50 4.04 0.73
C VAL A 16 -13.03 5.41 1.06
N LEU A 17 -12.23 6.17 1.80
N LEU A 17 -12.17 6.18 1.71
CA LEU A 17 -12.61 7.53 2.15
CA LEU A 17 -12.51 7.52 2.19
C LEU A 17 -11.67 8.53 1.49
C LEU A 17 -11.64 8.54 1.47
N ASP A 18 -12.26 9.63 1.04
CA ASP A 18 -11.53 10.78 0.49
C ASP A 18 -11.26 11.76 1.65
N ALA A 19 -9.99 11.81 2.11
CA ALA A 19 -9.58 12.67 3.23
C ALA A 19 -9.44 14.16 2.86
N VAL A 20 -9.55 14.45 1.57
CA VAL A 20 -9.56 15.84 1.09
C VAL A 20 -10.97 16.39 1.17
N ARG A 21 -11.94 15.61 0.69
N ARG A 21 -11.93 15.62 0.68
CA ARG A 21 -13.32 16.06 0.70
CA ARG A 21 -13.33 16.04 0.68
C ARG A 21 -14.08 15.63 1.95
C ARG A 21 -13.98 15.77 2.04
N GLY A 22 -13.48 14.76 2.76
CA GLY A 22 -14.17 14.22 3.96
C GLY A 22 -15.45 13.55 3.52
N SER A 23 -15.30 12.65 2.54
N SER A 23 -15.30 12.63 2.58
CA SER A 23 -16.43 12.02 1.90
CA SER A 23 -16.43 12.02 1.94
C SER A 23 -16.07 10.58 1.60
C SER A 23 -16.07 10.58 1.60
N PRO A 24 -17.09 9.71 1.44
CA PRO A 24 -16.78 8.43 0.82
C PRO A 24 -16.12 8.67 -0.54
N ALA A 25 -15.13 7.82 -0.87
CA ALA A 25 -14.54 7.87 -2.20
C ALA A 25 -15.37 6.92 -3.07
N ILE A 26 -16.21 7.52 -3.89
CA ILE A 26 -17.23 6.85 -4.66
C ILE A 26 -16.66 6.41 -6.00
N ASN A 27 -17.15 5.27 -6.47
N ASN A 27 -17.15 5.27 -6.47
CA ASN A 27 -16.77 4.70 -7.78
CA ASN A 27 -16.76 4.70 -7.77
C ASN A 27 -15.28 4.46 -7.91
C ASN A 27 -15.27 4.51 -7.91
N VAL A 28 -14.62 4.13 -6.81
CA VAL A 28 -13.19 3.78 -6.84
C VAL A 28 -13.09 2.31 -7.24
N ALA A 29 -12.34 2.03 -8.30
CA ALA A 29 -12.05 0.64 -8.68
C ALA A 29 -11.19 -0.07 -7.65
N VAL A 30 -11.59 -1.31 -7.35
CA VAL A 30 -10.89 -2.13 -6.39
C VAL A 30 -10.71 -3.49 -7.06
N HIS A 31 -9.46 -3.94 -7.15
N HIS A 31 -9.47 -3.96 -7.14
CA HIS A 31 -9.17 -5.26 -7.71
CA HIS A 31 -9.16 -5.26 -7.74
C HIS A 31 -8.58 -6.08 -6.62
C HIS A 31 -8.48 -6.14 -6.74
N VAL A 32 -9.05 -7.32 -6.52
CA VAL A 32 -8.53 -8.27 -5.56
C VAL A 32 -7.88 -9.41 -6.32
N PHE A 33 -6.68 -9.75 -5.89
CA PHE A 33 -5.95 -10.87 -6.45
C PHE A 33 -5.58 -11.78 -5.33
N ARG A 34 -5.33 -13.02 -5.70
CA ARG A 34 -4.96 -14.00 -4.75
C ARG A 34 -3.68 -14.63 -5.26
N LYS A 35 -2.70 -14.85 -4.39
N LYS A 35 -2.73 -14.85 -4.36
CA LYS A 35 -1.45 -15.41 -4.81
CA LYS A 35 -1.47 -15.49 -4.74
C LYS A 35 -1.64 -16.90 -5.12
C LYS A 35 -1.77 -16.93 -5.15
N ALA A 36 -1.40 -17.28 -6.37
CA ALA A 36 -1.52 -18.68 -6.80
C ALA A 36 -0.31 -19.48 -6.35
N ALA A 37 -0.38 -20.79 -6.53
CA ALA A 37 0.67 -21.73 -6.13
C ALA A 37 2.04 -21.39 -6.71
N ASP A 38 2.04 -20.85 -7.93
CA ASP A 38 3.26 -20.48 -8.66
C ASP A 38 3.64 -19.02 -8.43
N ASP A 39 3.18 -18.47 -7.31
CA ASP A 39 3.48 -17.09 -6.90
C ASP A 39 3.04 -15.97 -7.85
N THR A 40 2.17 -16.27 -8.81
CA THR A 40 1.55 -15.19 -9.61
C THR A 40 0.34 -14.66 -8.86
N TRP A 41 -0.11 -13.47 -9.23
CA TRP A 41 -1.35 -12.94 -8.72
C TRP A 41 -2.50 -13.32 -9.62
N GLU A 42 -3.38 -14.17 -9.12
CA GLU A 42 -4.57 -14.53 -9.86
C GLU A 42 -5.63 -13.52 -9.51
N PRO A 43 -6.32 -12.98 -10.54
CA PRO A 43 -7.48 -12.14 -10.33
C PRO A 43 -8.49 -12.88 -9.47
N PHE A 44 -8.86 -12.27 -8.36
CA PHE A 44 -9.80 -12.91 -7.45
C PHE A 44 -11.20 -12.29 -7.54
N ALA A 45 -11.27 -10.96 -7.55
CA ALA A 45 -12.55 -10.27 -7.60
C ALA A 45 -12.22 -8.79 -7.78
N SER A 46 -13.19 -8.01 -8.25
CA SER A 46 -13.05 -6.57 -8.37
C SER A 46 -14.42 -5.95 -8.32
N GLY A 47 -14.45 -4.63 -8.17
CA GLY A 47 -15.69 -3.93 -7.99
C GLY A 47 -15.38 -2.45 -7.87
N LYS A 48 -16.44 -1.68 -7.66
N LYS A 48 -16.40 -1.64 -7.68
N LYS A 48 -16.44 -1.67 -7.70
CA LYS A 48 -16.39 -0.24 -7.46
CA LYS A 48 -16.19 -0.23 -7.42
CA LYS A 48 -16.34 -0.23 -7.47
C LYS A 48 -16.94 0.04 -6.09
C LYS A 48 -16.98 0.15 -6.20
C LYS A 48 -16.94 0.06 -6.10
N THR A 49 -16.40 1.05 -5.41
CA THR A 49 -17.01 1.51 -4.18
C THR A 49 -18.32 2.18 -4.52
N SER A 50 -19.27 2.02 -3.64
CA SER A 50 -20.57 2.63 -3.83
C SER A 50 -20.55 4.08 -3.37
N GLU A 51 -21.76 4.62 -3.35
N GLU A 51 -21.71 4.71 -3.38
CA GLU A 51 -22.10 5.95 -2.90
CA GLU A 51 -21.84 6.09 -2.88
C GLU A 51 -21.72 6.20 -1.42
C GLU A 51 -21.35 6.19 -1.44
N SER A 52 -21.49 5.11 -0.68
CA SER A 52 -21.08 5.16 0.72
C SER A 52 -19.58 4.93 0.81
N GLY A 53 -18.94 4.73 -0.33
CA GLY A 53 -17.50 4.47 -0.40
C GLY A 53 -17.16 3.05 -0.04
N GLU A 54 -18.20 2.22 0.03
CA GLU A 54 -18.05 0.84 0.41
C GLU A 54 -18.24 -0.09 -0.75
N LEU A 55 -17.43 -1.14 -0.75
CA LEU A 55 -17.52 -2.16 -1.77
C LEU A 55 -17.85 -3.47 -1.09
N HIS A 56 -19.09 -3.91 -1.26
N HIS A 56 -19.10 -3.90 -1.24
CA HIS A 56 -19.58 -5.13 -0.62
CA HIS A 56 -19.58 -5.13 -0.61
C HIS A 56 -19.76 -6.19 -1.68
C HIS A 56 -19.64 -6.19 -1.68
N GLY A 57 -19.76 -7.45 -1.25
CA GLY A 57 -20.01 -8.57 -2.16
C GLY A 57 -18.89 -8.93 -3.11
N LEU A 58 -17.66 -8.55 -2.79
CA LEU A 58 -16.53 -8.93 -3.61
C LEU A 58 -16.43 -10.44 -3.72
N THR A 59 -16.79 -11.13 -2.64
CA THR A 59 -16.54 -12.55 -2.55
C THR A 59 -17.50 -13.20 -1.58
N THR A 60 -17.35 -14.50 -1.39
CA THR A 60 -18.23 -15.25 -0.49
C THR A 60 -17.35 -16.02 0.46
N GLU A 61 -17.93 -16.55 1.53
N GLU A 61 -17.95 -16.56 1.52
CA GLU A 61 -17.17 -17.34 2.50
CA GLU A 61 -17.25 -17.37 2.50
C GLU A 61 -16.60 -18.63 1.88
C GLU A 61 -16.61 -18.59 1.86
N GLU A 62 -17.28 -19.17 0.87
CA GLU A 62 -16.78 -20.36 0.15
C GLU A 62 -15.57 -20.01 -0.73
N GLU A 63 -15.66 -18.90 -1.43
CA GLU A 63 -14.63 -18.52 -2.39
C GLU A 63 -13.38 -17.96 -1.71
N PHE A 64 -13.58 -17.37 -0.54
CA PHE A 64 -12.53 -16.60 0.13
C PHE A 64 -11.74 -17.52 1.03
N VAL A 65 -10.98 -18.40 0.39
CA VAL A 65 -10.26 -19.41 1.14
C VAL A 65 -8.99 -18.77 1.69
N GLU A 66 -8.20 -19.53 2.45
CA GLU A 66 -6.91 -19.02 2.89
C GLU A 66 -6.09 -18.66 1.69
N GLY A 67 -5.19 -17.71 1.90
CA GLY A 67 -4.28 -17.33 0.86
C GLY A 67 -3.71 -15.97 1.16
N ILE A 68 -2.83 -15.54 0.28
CA ILE A 68 -2.37 -14.18 0.30
C ILE A 68 -3.14 -13.44 -0.75
N TYR A 69 -3.74 -12.36 -0.30
CA TYR A 69 -4.60 -11.60 -1.15
C TYR A 69 -3.98 -10.24 -1.31
N LYS A 70 -4.14 -9.68 -2.50
N LYS A 70 -4.14 -9.67 -2.51
CA LYS A 70 -3.75 -8.30 -2.71
CA LYS A 70 -3.74 -8.30 -2.76
C LYS A 70 -4.97 -7.54 -3.13
C LYS A 70 -4.96 -7.53 -3.15
N VAL A 71 -5.21 -6.43 -2.46
CA VAL A 71 -6.29 -5.52 -2.82
C VAL A 71 -5.64 -4.26 -3.39
N GLU A 72 -5.84 -4.01 -4.69
N GLU A 72 -5.85 -4.03 -4.68
CA GLU A 72 -5.34 -2.79 -5.35
CA GLU A 72 -5.39 -2.80 -5.26
C GLU A 72 -6.48 -1.80 -5.59
C GLU A 72 -6.60 -1.92 -5.37
N ILE A 73 -6.46 -0.70 -4.86
CA ILE A 73 -7.49 0.30 -4.96
C ILE A 73 -6.98 1.35 -5.94
N ASP A 74 -7.74 1.60 -7.00
CA ASP A 74 -7.29 2.49 -8.04
C ASP A 74 -7.45 3.96 -7.61
N THR A 75 -6.57 4.37 -6.72
CA THR A 75 -6.68 5.67 -6.13
C THR A 75 -6.27 6.74 -7.16
N LYS A 76 -5.38 6.39 -8.09
CA LYS A 76 -4.94 7.36 -9.11
C LYS A 76 -6.09 7.83 -10.02
N SER A 77 -6.88 6.90 -10.56
CA SER A 77 -8.04 7.26 -11.40
C SER A 77 -9.01 8.10 -10.62
N TYR A 78 -9.21 7.73 -9.37
CA TYR A 78 -10.06 8.50 -8.46
C TYR A 78 -9.60 9.97 -8.38
N TRP A 79 -8.33 10.16 -7.99
CA TRP A 79 -7.79 11.52 -7.84
C TRP A 79 -7.76 12.25 -9.16
N LYS A 80 -7.39 11.54 -10.22
CA LYS A 80 -7.36 12.12 -11.55
C LYS A 80 -8.73 12.62 -11.99
N ALA A 81 -9.78 11.83 -11.79
CA ALA A 81 -11.15 12.27 -12.14
C ALA A 81 -11.54 13.52 -11.36
N LEU A 82 -10.93 13.73 -10.19
CA LEU A 82 -11.17 14.97 -9.45
C LEU A 82 -10.17 16.09 -9.72
N GLY A 83 -9.33 15.91 -10.75
CA GLY A 83 -8.42 16.95 -11.22
C GLY A 83 -7.12 17.00 -10.45
N ILE A 84 -6.88 15.97 -9.66
CA ILE A 84 -5.72 15.95 -8.81
C ILE A 84 -4.74 14.95 -9.40
N SER A 85 -3.48 15.34 -9.44
N SER A 85 -3.46 15.31 -9.42
CA SER A 85 -2.40 14.46 -9.82
CA SER A 85 -2.44 14.39 -9.88
C SER A 85 -1.88 13.85 -8.52
C SER A 85 -1.76 13.77 -8.66
N PRO A 86 -2.23 12.59 -8.23
CA PRO A 86 -1.83 12.02 -6.94
C PRO A 86 -0.42 11.44 -7.02
N PHE A 87 0.17 11.15 -5.85
CA PHE A 87 1.47 10.49 -5.81
C PHE A 87 1.39 9.01 -6.21
N HIS A 88 0.52 8.26 -5.53
N HIS A 88 0.50 8.27 -5.53
CA HIS A 88 0.46 6.82 -5.70
CA HIS A 88 0.44 6.83 -5.70
C HIS A 88 -0.33 6.40 -6.93
C HIS A 88 -0.33 6.41 -6.93
N GLU A 89 0.10 5.29 -7.52
CA GLU A 89 -0.61 4.67 -8.63
C GLU A 89 -1.86 4.01 -8.10
N HIS A 90 -1.75 3.46 -6.90
N HIS A 90 -1.77 3.42 -6.90
CA HIS A 90 -2.86 2.81 -6.22
CA HIS A 90 -2.90 2.72 -6.29
C HIS A 90 -2.61 2.76 -4.73
C HIS A 90 -2.57 2.43 -4.84
N ALA A 91 -3.61 2.28 -4.01
CA ALA A 91 -3.45 1.91 -2.61
C ALA A 91 -3.55 0.40 -2.59
N GLU A 92 -2.49 -0.22 -2.11
CA GLU A 92 -2.45 -1.66 -2.00
C GLU A 92 -2.67 -2.14 -0.59
N VAL A 93 -3.19 -3.36 -0.52
CA VAL A 93 -3.23 -4.06 0.74
C VAL A 93 -2.88 -5.49 0.40
N VAL A 94 -1.81 -6.01 0.96
CA VAL A 94 -1.47 -7.41 0.76
C VAL A 94 -1.50 -8.06 2.10
N PHE A 95 -2.25 -9.14 2.22
CA PHE A 95 -2.40 -9.78 3.53
C PHE A 95 -2.71 -11.24 3.36
N THR A 96 -2.32 -12.01 4.37
CA THR A 96 -2.75 -13.39 4.48
C THR A 96 -4.14 -13.39 5.07
N ALA A 97 -5.07 -13.99 4.35
CA ALA A 97 -6.41 -14.08 4.84
C ALA A 97 -6.70 -15.49 5.40
N ASN A 98 -7.46 -15.53 6.49
CA ASN A 98 -8.04 -16.80 6.98
C ASN A 98 -7.05 -17.85 7.45
N ASP A 99 -5.86 -17.40 7.86
CA ASP A 99 -4.79 -18.28 8.33
C ASP A 99 -5.15 -19.14 9.56
N SER A 100 -5.91 -18.55 10.49
N SER A 100 -5.95 -18.59 10.48
CA SER A 100 -6.43 -19.30 11.63
CA SER A 100 -6.41 -19.35 11.65
C SER A 100 -7.95 -19.31 11.54
C SER A 100 -7.91 -19.61 11.59
N GLY A 101 -8.45 -19.73 10.38
CA GLY A 101 -9.89 -19.84 10.15
C GLY A 101 -10.50 -18.62 9.49
N PRO A 102 -11.75 -18.75 9.01
CA PRO A 102 -12.42 -17.64 8.33
C PRO A 102 -12.55 -16.40 9.20
N ARG A 103 -12.29 -15.23 8.62
CA ARG A 103 -12.55 -13.96 9.28
C ARG A 103 -13.34 -13.03 8.36
N ARG A 104 -13.94 -11.99 8.94
CA ARG A 104 -14.47 -10.89 8.15
C ARG A 104 -13.37 -9.83 8.08
N TYR A 105 -13.07 -9.40 6.87
CA TYR A 105 -12.08 -8.35 6.68
C TYR A 105 -12.77 -7.14 6.15
N THR A 106 -12.65 -6.06 6.89
CA THR A 106 -12.90 -4.76 6.34
C THR A 106 -11.59 -4.06 6.11
N ILE A 107 -11.39 -3.69 4.87
CA ILE A 107 -10.24 -2.90 4.49
C ILE A 107 -10.68 -1.46 4.30
N ALA A 108 -10.14 -0.57 5.11
CA ALA A 108 -10.46 0.85 5.03
C ALA A 108 -9.24 1.56 4.49
N ALA A 109 -9.44 2.24 3.37
CA ALA A 109 -8.41 3.03 2.78
C ALA A 109 -8.82 4.48 2.92
N LEU A 110 -7.92 5.26 3.49
CA LEU A 110 -8.13 6.68 3.69
C LEU A 110 -7.17 7.38 2.77
N LEU A 111 -7.70 8.14 1.83
CA LEU A 111 -6.95 8.65 0.71
C LEU A 111 -6.69 10.16 0.73
N SER A 112 -5.45 10.55 0.52
CA SER A 112 -5.09 11.94 0.21
C SER A 112 -4.23 11.87 -1.02
N PRO A 113 -4.07 12.99 -1.74
CA PRO A 113 -3.32 12.85 -2.97
C PRO A 113 -1.90 12.32 -2.76
N TYR A 114 -1.27 12.66 -1.64
CA TYR A 114 0.11 12.22 -1.39
C TYR A 114 0.28 11.33 -0.17
N SER A 115 -0.81 10.71 0.25
CA SER A 115 -0.79 9.91 1.43
C SER A 115 -2.01 9.04 1.44
N TYR A 116 -1.82 7.81 1.84
CA TYR A 116 -2.97 7.02 2.15
C TYR A 116 -2.65 6.13 3.29
N SER A 117 -3.71 5.72 3.95
CA SER A 117 -3.58 4.80 5.01
C SER A 117 -4.54 3.67 4.70
N THR A 118 -4.09 2.44 4.96
N THR A 118 -4.09 2.47 4.97
CA THR A 118 -4.94 1.25 4.81
CA THR A 118 -4.99 1.36 4.91
C THR A 118 -4.99 0.43 6.10
C THR A 118 -5.05 0.78 6.28
N THR A 119 -6.20 0.22 6.60
CA THR A 119 -6.42 -0.38 7.89
C THR A 119 -7.28 -1.60 7.69
N ALA A 120 -7.08 -2.60 8.51
CA ALA A 120 -7.92 -3.78 8.41
C ALA A 120 -8.66 -3.86 9.70
N VAL A 121 -9.97 -3.97 9.61
CA VAL A 121 -10.81 -4.36 10.72
C VAL A 121 -11.15 -5.81 10.45
N VAL A 122 -10.63 -6.68 11.30
CA VAL A 122 -10.71 -8.12 11.12
C VAL A 122 -11.51 -8.66 12.29
N THR A 123 -12.65 -9.27 11.98
CA THR A 123 -13.56 -9.74 13.00
C THR A 123 -13.84 -11.22 12.80
N ASN A 124 -14.20 -11.89 13.89
CA ASN A 124 -14.47 -13.32 13.89
C ASN A 124 -15.95 -13.53 13.77
N PRO A 125 -16.41 -14.03 12.60
CA PRO A 125 -17.84 -14.17 12.36
C PRO A 125 -18.44 -15.30 13.21
N CYS B 10 20.57 12.32 -3.01
CA CYS B 10 19.60 11.30 -2.52
C CYS B 10 18.17 11.61 -3.00
N PRO B 11 17.82 11.20 -4.23
CA PRO B 11 16.50 11.49 -4.81
C PRO B 11 15.34 10.71 -4.17
N LEU B 12 15.66 9.63 -3.47
CA LEU B 12 14.63 8.79 -2.87
C LEU B 12 15.08 8.32 -1.51
N MET B 13 14.27 8.63 -0.50
N MET B 13 14.29 8.68 -0.50
CA MET B 13 14.58 8.25 0.88
CA MET B 13 14.55 8.25 0.85
C MET B 13 13.34 7.67 1.56
C MET B 13 13.30 7.50 1.32
N VAL B 14 13.51 6.50 2.17
CA VAL B 14 12.39 5.79 2.76
C VAL B 14 12.55 5.91 4.25
N LYS B 15 11.47 6.35 4.91
N LYS B 15 11.52 6.41 4.91
CA LYS B 15 11.46 6.49 6.34
CA LYS B 15 11.51 6.46 6.37
C LYS B 15 10.33 5.64 6.89
C LYS B 15 10.36 5.64 6.88
N VAL B 16 10.62 4.89 7.94
CA VAL B 16 9.64 3.97 8.49
C VAL B 16 9.52 4.19 9.98
N LEU B 17 8.29 4.43 10.43
N LEU B 17 8.28 4.37 10.42
CA LEU B 17 8.04 4.65 11.84
CA LEU B 17 7.94 4.69 11.79
C LEU B 17 7.13 3.57 12.40
C LEU B 17 7.11 3.56 12.40
N ASP B 18 7.38 3.24 13.66
CA ASP B 18 6.61 2.27 14.41
C ASP B 18 5.63 3.08 15.28
N ALA B 19 4.36 3.06 14.88
CA ALA B 19 3.27 3.70 15.61
C ALA B 19 2.85 2.97 16.90
N VAL B 20 3.38 1.77 17.12
CA VAL B 20 3.10 1.05 18.35
C VAL B 20 4.09 1.46 19.43
N ARG B 21 5.35 1.59 19.08
CA ARG B 21 6.37 1.90 20.07
C ARG B 21 6.76 3.38 20.03
N GLY B 22 6.29 4.10 19.02
CA GLY B 22 6.61 5.52 18.84
C GLY B 22 8.09 5.70 18.59
N SER B 23 8.59 4.89 17.68
CA SER B 23 10.01 4.83 17.45
C SER B 23 10.27 4.73 15.96
N PRO B 24 11.51 4.99 15.56
CA PRO B 24 11.85 4.60 14.21
C PRO B 24 11.71 3.09 14.12
N ALA B 25 11.23 2.60 12.97
CA ALA B 25 11.21 1.19 12.68
C ALA B 25 12.54 0.87 12.05
N ILE B 26 13.39 0.23 12.84
CA ILE B 26 14.79 0.00 12.55
C ILE B 26 14.90 -1.36 11.89
N ASN B 27 15.85 -1.49 10.96
N ASN B 27 15.85 -1.48 10.97
CA ASN B 27 16.14 -2.77 10.34
CA ASN B 27 16.16 -2.76 10.34
C ASN B 27 14.97 -3.32 9.55
C ASN B 27 15.02 -3.31 9.49
N VAL B 28 14.21 -2.41 8.95
CA VAL B 28 13.11 -2.81 8.11
C VAL B 28 13.67 -2.94 6.69
N ALA B 29 13.49 -4.11 6.11
CA ALA B 29 13.86 -4.35 4.73
C ALA B 29 12.93 -3.57 3.82
N VAL B 30 13.55 -2.89 2.86
CA VAL B 30 12.85 -2.09 1.89
C VAL B 30 13.44 -2.47 0.53
N HIS B 31 12.55 -2.85 -0.38
N HIS B 31 12.56 -2.83 -0.39
CA HIS B 31 12.93 -3.14 -1.76
CA HIS B 31 12.94 -3.15 -1.76
C HIS B 31 12.27 -2.15 -2.68
C HIS B 31 12.25 -2.22 -2.74
N VAL B 32 13.03 -1.66 -3.65
CA VAL B 32 12.50 -0.76 -4.61
C VAL B 32 12.57 -1.48 -5.95
N PHE B 33 11.52 -1.31 -6.71
CA PHE B 33 11.38 -1.93 -8.02
C PHE B 33 11.00 -0.86 -8.99
N ARG B 34 11.46 -1.02 -10.21
CA ARG B 34 11.03 -0.19 -11.30
C ARG B 34 10.16 -1.06 -12.20
N LYS B 35 9.03 -0.51 -12.63
CA LYS B 35 8.16 -1.27 -13.54
C LYS B 35 8.89 -1.40 -14.86
N ALA B 36 9.07 -2.63 -15.31
CA ALA B 36 9.71 -2.90 -16.62
C ALA B 36 8.66 -2.84 -17.74
N ALA B 37 9.14 -2.64 -18.98
CA ALA B 37 8.27 -2.49 -20.16
C ALA B 37 7.21 -3.60 -20.32
N ASP B 38 7.54 -4.80 -19.87
CA ASP B 38 6.61 -5.95 -19.85
C ASP B 38 5.68 -6.02 -18.63
N ASP B 39 5.53 -4.88 -17.95
CA ASP B 39 4.64 -4.73 -16.79
C ASP B 39 5.09 -5.49 -15.55
N THR B 40 6.31 -6.01 -15.55
CA THR B 40 6.83 -6.71 -14.36
C THR B 40 7.75 -5.82 -13.52
N TRP B 41 7.99 -6.23 -12.28
CA TRP B 41 8.76 -5.41 -11.37
C TRP B 41 10.22 -5.80 -11.36
N GLU B 42 11.08 -4.90 -11.82
N GLU B 42 11.06 -4.89 -11.85
CA GLU B 42 12.50 -5.15 -11.81
CA GLU B 42 12.53 -5.00 -11.81
C GLU B 42 13.12 -4.57 -10.54
C GLU B 42 13.04 -4.54 -10.45
N PRO B 43 13.74 -5.43 -9.69
CA PRO B 43 14.50 -4.95 -8.53
C PRO B 43 15.45 -3.84 -8.98
N PHE B 44 15.53 -2.79 -8.16
N PHE B 44 15.51 -2.75 -8.23
CA PHE B 44 16.14 -1.53 -8.52
CA PHE B 44 16.44 -1.69 -8.57
C PHE B 44 17.09 -1.08 -7.40
C PHE B 44 17.29 -1.33 -7.36
N ALA B 45 16.68 -1.36 -6.17
CA ALA B 45 17.37 -0.93 -4.95
C ALA B 45 16.70 -1.55 -3.75
N SER B 46 17.48 -1.77 -2.70
CA SER B 46 16.93 -2.13 -1.42
C SER B 46 17.91 -1.78 -0.33
N GLY B 47 17.51 -2.03 0.91
CA GLY B 47 18.29 -1.68 2.08
C GLY B 47 17.48 -2.01 3.32
N LYS B 48 18.01 -1.61 4.47
CA LYS B 48 17.36 -1.80 5.75
C LYS B 48 17.30 -0.43 6.36
N THR B 49 16.20 -0.11 7.03
CA THR B 49 16.14 1.18 7.68
C THR B 49 17.22 1.20 8.77
N SER B 50 17.83 2.36 8.93
CA SER B 50 18.85 2.58 9.94
C SER B 50 18.17 2.77 11.28
N GLU B 51 19.00 3.01 12.29
N GLU B 51 18.98 3.01 12.31
CA GLU B 51 18.59 3.33 13.65
CA GLU B 51 18.50 3.32 13.66
C GLU B 51 17.63 4.55 13.73
C GLU B 51 17.55 4.52 13.70
N SER B 52 17.66 5.40 12.71
CA SER B 52 16.75 6.55 12.63
C SER B 52 15.49 6.21 11.80
N GLY B 53 15.36 4.95 11.39
CA GLY B 53 14.19 4.47 10.67
C GLY B 53 14.25 4.87 9.23
N GLU B 54 15.39 5.43 8.83
CA GLU B 54 15.55 6.00 7.52
C GLU B 54 16.45 5.15 6.66
N LEU B 55 16.13 5.11 5.39
CA LEU B 55 16.96 4.36 4.47
C LEU B 55 17.38 5.33 3.39
N HIS B 56 18.66 5.71 3.42
N HIS B 56 18.66 5.71 3.41
CA HIS B 56 19.25 6.66 2.47
CA HIS B 56 19.22 6.67 2.44
C HIS B 56 20.03 5.90 1.41
C HIS B 56 20.12 5.94 1.48
N GLY B 57 20.49 6.61 0.38
CA GLY B 57 21.42 6.06 -0.59
C GLY B 57 20.85 4.92 -1.43
N LEU B 58 19.52 4.80 -1.46
CA LEU B 58 18.87 3.79 -2.29
C LEU B 58 19.23 3.93 -3.75
N THR B 59 19.33 5.16 -4.22
CA THR B 59 19.52 5.39 -5.63
C THR B 59 20.27 6.69 -5.81
N THR B 60 20.50 7.07 -7.05
CA THR B 60 21.16 8.33 -7.34
C THR B 60 20.30 9.06 -8.33
N GLU B 61 20.55 10.35 -8.52
CA GLU B 61 19.80 11.14 -9.48
C GLU B 61 19.88 10.60 -10.91
N GLU B 62 21.04 10.07 -11.29
CA GLU B 62 21.26 9.53 -12.64
C GLU B 62 20.43 8.26 -12.85
N GLU B 63 20.31 7.48 -11.79
N GLU B 63 20.32 7.45 -11.81
CA GLU B 63 19.64 6.18 -11.84
CA GLU B 63 19.61 6.18 -11.91
C GLU B 63 18.12 6.32 -11.71
C GLU B 63 18.10 6.36 -11.77
N PHE B 64 17.69 7.32 -10.94
CA PHE B 64 16.29 7.50 -10.60
C PHE B 64 15.55 8.29 -11.69
N VAL B 65 15.37 7.64 -12.83
CA VAL B 65 14.65 8.25 -13.93
C VAL B 65 13.13 8.14 -13.73
N GLU B 66 12.37 8.92 -14.48
CA GLU B 66 10.92 8.81 -14.46
C GLU B 66 10.55 7.38 -14.76
N GLY B 67 9.43 6.96 -14.17
CA GLY B 67 8.99 5.59 -14.28
C GLY B 67 8.05 5.30 -13.13
N ILE B 68 7.53 4.08 -13.10
CA ILE B 68 6.70 3.65 -12.00
C ILE B 68 7.56 2.82 -11.09
N TYR B 69 7.54 3.21 -9.84
CA TYR B 69 8.34 2.54 -8.83
C TYR B 69 7.43 1.93 -7.79
N LYS B 70 7.88 0.80 -7.28
CA LYS B 70 7.26 0.16 -6.16
C LYS B 70 8.26 0.10 -5.04
N VAL B 71 7.85 0.57 -3.87
CA VAL B 71 8.65 0.45 -2.67
C VAL B 71 7.95 -0.57 -1.80
N GLU B 72 8.60 -1.69 -1.59
CA GLU B 72 8.02 -2.72 -0.75
C GLU B 72 8.70 -2.70 0.60
N ILE B 73 7.92 -2.46 1.63
CA ILE B 73 8.50 -2.38 2.96
C ILE B 73 8.08 -3.66 3.67
N ASP B 74 9.06 -4.44 4.10
CA ASP B 74 8.75 -5.70 4.72
C ASP B 74 8.30 -5.45 6.16
N THR B 75 7.07 -4.97 6.28
CA THR B 75 6.45 -4.64 7.56
C THR B 75 6.16 -5.90 8.35
N LYS B 76 5.84 -6.98 7.65
CA LYS B 76 5.56 -8.24 8.34
C LYS B 76 6.72 -8.78 9.19
N SER B 77 7.93 -8.80 8.64
CA SER B 77 9.10 -9.29 9.38
C SER B 77 9.41 -8.37 10.54
N TYR B 78 9.16 -7.08 10.34
CA TYR B 78 9.38 -6.13 11.42
C TYR B 78 8.47 -6.47 12.59
N TRP B 79 7.18 -6.66 12.32
CA TRP B 79 6.23 -6.96 13.37
C TRP B 79 6.51 -8.31 14.04
N LYS B 80 6.94 -9.29 13.25
CA LYS B 80 7.35 -10.60 13.76
C LYS B 80 8.52 -10.49 14.73
N ALA B 81 9.53 -9.70 14.37
CA ALA B 81 10.71 -9.47 15.20
C ALA B 81 10.31 -8.90 16.56
N LEU B 82 9.17 -8.24 16.61
CA LEU B 82 8.67 -7.63 17.82
C LEU B 82 7.62 -8.48 18.54
N GLY B 83 7.21 -9.58 17.91
CA GLY B 83 6.22 -10.49 18.50
C GLY B 83 4.78 -10.06 18.37
N ILE B 84 4.51 -9.18 17.41
CA ILE B 84 3.16 -8.64 17.23
C ILE B 84 2.58 -9.11 15.88
N SER B 85 1.44 -9.79 15.93
CA SER B 85 0.74 -10.27 14.73
C SER B 85 0.36 -9.11 13.82
N PRO B 86 0.92 -9.07 12.60
CA PRO B 86 0.58 -8.00 11.69
C PRO B 86 -0.51 -8.43 10.73
N PHE B 87 -1.23 -7.47 10.18
CA PHE B 87 -2.16 -7.78 9.14
C PHE B 87 -1.48 -7.96 7.78
N HIS B 88 -0.72 -6.95 7.35
N HIS B 88 -0.72 -6.94 7.36
CA HIS B 88 -0.20 -6.88 6.00
CA HIS B 88 -0.17 -6.86 6.01
C HIS B 88 1.03 -7.74 5.83
C HIS B 88 1.03 -7.76 5.83
N GLU B 89 1.18 -8.29 4.63
CA GLU B 89 2.36 -9.03 4.23
C GLU B 89 3.54 -8.07 4.14
N HIS B 90 3.26 -6.89 3.61
N HIS B 90 3.26 -6.86 3.64
CA HIS B 90 4.22 -5.81 3.52
CA HIS B 90 4.27 -5.82 3.45
C HIS B 90 3.46 -4.51 3.36
C HIS B 90 3.53 -4.56 3.08
N ALA B 91 4.19 -3.41 3.23
CA ALA B 91 3.63 -2.14 2.80
C ALA B 91 4.20 -1.89 1.42
N GLU B 92 3.34 -1.51 0.47
CA GLU B 92 3.73 -1.47 -0.94
C GLU B 92 3.35 -0.14 -1.59
N VAL B 93 4.34 0.75 -1.67
CA VAL B 93 4.16 2.09 -2.20
C VAL B 93 4.48 2.15 -3.68
N VAL B 94 3.46 2.33 -4.49
CA VAL B 94 3.64 2.31 -5.92
C VAL B 94 3.33 3.70 -6.42
N PHE B 95 4.25 4.26 -7.20
CA PHE B 95 4.12 5.64 -7.58
C PHE B 95 4.90 5.92 -8.85
N THR B 96 4.53 7.00 -9.52
CA THR B 96 5.26 7.46 -10.70
C THR B 96 6.24 8.54 -10.29
N ALA B 97 7.53 8.30 -10.51
CA ALA B 97 8.53 9.36 -10.37
C ALA B 97 8.36 10.28 -11.56
N ASN B 98 8.10 11.55 -11.24
CA ASN B 98 7.58 12.50 -12.22
C ASN B 98 8.65 13.37 -12.82
N ASP B 99 9.62 13.80 -12.02
CA ASP B 99 10.85 14.32 -12.58
C ASP B 99 10.65 15.68 -13.27
N SER B 100 9.45 16.25 -13.18
CA SER B 100 9.24 17.67 -13.47
C SER B 100 9.88 18.39 -12.28
N GLY B 101 11.14 18.79 -12.46
CA GLY B 101 12.05 18.88 -11.32
C GLY B 101 12.51 20.24 -10.85
N PRO B 102 13.52 20.24 -9.95
CA PRO B 102 14.09 19.01 -9.38
C PRO B 102 13.22 18.40 -8.26
N ARG B 103 13.42 17.12 -7.95
CA ARG B 103 12.58 16.40 -6.95
C ARG B 103 13.33 15.43 -6.01
N ARG B 104 13.17 15.63 -4.71
N ARG B 104 13.12 15.59 -4.71
CA ARG B 104 13.53 14.60 -3.73
CA ARG B 104 13.55 14.62 -3.72
C ARG B 104 12.24 13.95 -3.27
C ARG B 104 12.29 13.95 -3.14
N TYR B 105 12.29 12.63 -3.11
CA TYR B 105 11.14 11.87 -2.61
C TYR B 105 11.50 11.28 -1.28
N THR B 106 10.73 11.64 -0.26
CA THR B 106 10.69 10.92 0.98
C THR B 106 9.40 10.16 1.08
N ILE B 107 9.55 8.87 1.30
CA ILE B 107 8.42 7.99 1.48
C ILE B 107 8.45 7.66 2.94
N ALA B 108 7.46 8.14 3.67
CA ALA B 108 7.32 7.85 5.07
C ALA B 108 6.25 6.79 5.22
N ALA B 109 6.57 5.72 5.91
CA ALA B 109 5.58 4.73 6.22
C ALA B 109 5.42 4.70 7.73
N LEU B 110 4.20 4.98 8.15
N LEU B 110 4.20 4.93 8.19
CA LEU B 110 3.78 4.90 9.54
CA LEU B 110 3.91 4.86 9.63
C LEU B 110 3.18 3.53 9.67
C LEU B 110 3.19 3.54 9.92
N LEU B 111 3.65 2.77 10.65
N LEU B 111 3.90 2.59 10.52
CA LEU B 111 3.37 1.35 10.71
CA LEU B 111 3.41 1.22 10.72
C LEU B 111 2.69 0.94 11.99
C LEU B 111 2.64 1.01 11.99
N SER B 112 1.51 0.32 11.86
CA SER B 112 0.83 -0.27 12.99
C SER B 112 0.55 -1.70 12.54
N PRO B 113 0.31 -2.59 13.48
CA PRO B 113 0.13 -3.99 13.08
C PRO B 113 -1.01 -4.17 12.08
N TYR B 114 -2.09 -3.42 12.25
CA TYR B 114 -3.22 -3.59 11.36
C TYR B 114 -3.54 -2.38 10.52
N SER B 115 -2.55 -1.50 10.44
CA SER B 115 -2.74 -0.29 9.71
C SER B 115 -1.41 0.30 9.30
N TYR B 116 -1.34 0.81 8.09
CA TYR B 116 -0.22 1.65 7.82
C TYR B 116 -0.62 2.79 6.95
N SER B 117 0.14 3.86 7.10
CA SER B 117 0.02 4.97 6.21
C SER B 117 1.35 5.20 5.54
N THR B 118 1.26 5.61 4.29
N THR B 118 1.27 5.58 4.27
CA THR B 118 2.45 6.00 3.59
CA THR B 118 2.46 5.96 3.53
C THR B 118 2.24 7.34 2.95
C THR B 118 2.21 7.35 3.00
N THR B 119 3.23 8.19 3.11
CA THR B 119 3.11 9.54 2.66
C THR B 119 4.34 9.84 1.86
N ALA B 120 4.14 10.59 0.80
CA ALA B 120 5.25 11.08 0.04
C ALA B 120 5.45 12.55 0.34
N VAL B 121 6.66 12.88 0.79
CA VAL B 121 7.07 14.26 0.92
C VAL B 121 8.02 14.50 -0.24
N VAL B 122 7.53 15.26 -1.21
CA VAL B 122 8.22 15.49 -2.47
C VAL B 122 8.63 16.96 -2.51
N THR B 123 9.93 17.21 -2.51
CA THR B 123 10.47 18.57 -2.37
C THR B 123 11.42 19.00 -3.49
N ASN B 124 11.74 20.30 -3.49
N ASN B 124 11.70 20.30 -3.57
CA ASN B 124 12.77 20.96 -4.36
CA ASN B 124 12.61 20.86 -4.57
C ASN B 124 12.28 21.38 -5.75
C ASN B 124 13.96 21.23 -3.94
OAB LUR C . -18.71 3.76 9.52
CAN LUR C . -17.46 3.63 9.44
OAC LUR C . -16.64 4.38 10.04
CAL LUR C . -16.87 2.51 8.57
CAR LUR C . -15.80 1.69 9.33
CAK LUR C . -16.13 0.38 9.68
CAO LUR C . -15.21 -0.40 10.38
CAA LUR C . -15.56 -1.84 10.78
CAI LUR C . -13.98 0.12 10.72
CAJ LUR C . -13.63 1.41 10.37
CAS LUR C . -14.54 2.19 9.66
NAM LUR C . -14.23 3.43 9.34
CAT LUR C . -13.08 4.00 9.00
CAQ LUR C . -13.26 5.22 8.36
CLE LUR C . -14.91 5.73 8.11
CAH LUR C . -12.18 6.00 7.95
CAF LUR C . -10.89 5.53 8.18
CAG LUR C . -10.69 4.32 8.83
CAP LUR C . -11.77 3.54 9.24
FAD LUR C . -11.51 2.37 9.86
OAB LUR D . 10.75 12.47 6.94
CAN LUR D . 11.57 12.49 7.88
OAC LUR D . 12.73 12.01 7.85
CAL LUR D . 11.14 13.25 9.17
CAR LUR D . 10.62 12.28 10.25
CAK LUR D . 11.46 12.07 11.35
CAO LUR D . 11.08 11.23 12.38
CAA LUR D . 12.01 11.01 13.56
CAI LUR D . 9.85 10.59 12.31
CAJ LUR D . 8.99 10.79 11.22
CAS LUR D . 9.38 11.64 10.20
NAM LUR D . 8.63 11.88 9.13
CAT LUR D . 7.32 11.74 8.89
CAQ LUR D . 6.36 11.16 9.72
CLE LUR D . 6.77 10.50 11.26
CAH LUR D . 5.03 11.08 9.31
CAF LUR D . 4.65 11.60 8.09
CAG LUR D . 5.60 12.18 7.26
CAP LUR D . 6.93 12.25 7.66
FAD LUR D . 7.87 12.82 6.87
#